data_8S49
#
_entry.id   8S49
#
_cell.length_a   41.660
_cell.length_b   64.750
_cell.length_c   129.060
_cell.angle_alpha   90.000
_cell.angle_beta   90.000
_cell.angle_gamma   90.000
#
_symmetry.space_group_name_H-M   'P 21 21 21'
#
loop_
_entity.id
_entity.type
_entity.pdbx_description
1 polymer 'Diadenylate cyclase'
2 non-polymer 'SODIUM ION'
3 non-polymer 2-(4-fluorophenyl)acetohydrazide
4 water water
#
_entity_poly.entity_id   1
_entity_poly.type   'polypeptide(L)'
_entity_poly.pdbx_seq_one_letter_code
;GPLGSYGSRIEREQHHLIESIEKSTQYMAKRRIGALISVARDTGMDDYIETGIPLNAKISSQLLINIFIPNTPLHDGAVI
IKGNEIASAASYLPLSDSPFLSKELGTRHRAALGISEVTDSITIVVSEETGGISLTKGGELFRDVSEEELHKILLKELVT
VTAKKPSIFSKWKGGKSE
;
_entity_poly.pdbx_strand_id   A,B
#
loop_
_chem_comp.id
_chem_comp.type
_chem_comp.name
_chem_comp.formula
45Y non-polymer 2-(4-fluorophenyl)acetohydrazide 'C8 H9 F N2 O'
NA non-polymer 'SODIUM ION' 'Na 1'
#
# COMPACT_ATOMS: atom_id res chain seq x y z
N SER A 8 23.06 -3.51 14.79
CA SER A 8 23.38 -2.72 13.60
C SER A 8 22.16 -2.54 12.69
N ARG A 9 22.33 -1.75 11.64
CA ARG A 9 21.20 -1.31 10.81
C ARG A 9 20.62 -2.47 10.00
N ILE A 10 21.47 -3.23 9.31
CA ILE A 10 20.94 -4.28 8.42
C ILE A 10 20.29 -5.39 9.26
N GLU A 11 20.91 -5.75 10.38
CA GLU A 11 20.30 -6.65 11.35
C GLU A 11 18.86 -6.26 11.64
N ARG A 12 18.66 -5.02 12.10
CA ARG A 12 17.33 -4.57 12.49
C ARG A 12 16.37 -4.63 11.31
N GLU A 13 16.84 -4.26 10.12
CA GLU A 13 16.00 -4.32 8.92
C GLU A 13 15.57 -5.75 8.60
N GLN A 14 16.52 -6.69 8.65
CA GLN A 14 16.16 -8.06 8.30
C GLN A 14 15.22 -8.66 9.34
N HIS A 15 15.42 -8.35 10.62
CA HIS A 15 14.49 -8.85 11.61
C HIS A 15 13.11 -8.22 11.45
N HIS A 16 13.05 -6.93 11.09
CA HIS A 16 11.76 -6.28 10.79
C HIS A 16 11.09 -6.92 9.57
N LEU A 17 11.88 -7.23 8.55
CA LEU A 17 11.35 -7.96 7.40
C LEU A 17 10.72 -9.30 7.84
N ILE A 18 11.46 -10.08 8.64
CA ILE A 18 10.91 -11.34 9.12
C ILE A 18 9.60 -11.12 9.88
N GLU A 19 9.63 -10.21 10.87
CA GLU A 19 8.41 -9.92 11.63
C GLU A 19 7.27 -9.48 10.72
N SER A 20 7.56 -8.63 9.73
CA SER A 20 6.53 -8.18 8.80
C SER A 20 5.92 -9.33 8.03
N ILE A 21 6.76 -10.25 7.53
CA ILE A 21 6.25 -11.45 6.87
C ILE A 21 5.42 -12.29 7.84
N GLU A 22 5.94 -12.54 9.04
CA GLU A 22 5.23 -13.41 9.97
C GLU A 22 3.86 -12.84 10.33
N LYS A 23 3.80 -11.55 10.71
CA LYS A 23 2.53 -10.93 11.08
C LYS A 23 1.52 -10.93 9.93
N SER A 24 1.97 -10.55 8.72
CA SER A 24 1.03 -10.41 7.63
C SER A 24 0.49 -11.76 7.19
N THR A 25 1.36 -12.78 7.08
CA THR A 25 0.86 -14.07 6.66
C THR A 25 -0.02 -14.71 7.73
N GLN A 26 0.27 -14.48 9.01
CA GLN A 26 -0.64 -14.96 10.04
C GLN A 26 -2.02 -14.31 9.88
N TYR A 27 -2.05 -12.98 9.67
CA TYR A 27 -3.31 -12.29 9.44
C TYR A 27 -4.04 -12.89 8.24
N MET A 28 -3.33 -13.04 7.12
CA MET A 28 -3.97 -13.50 5.91
C MET A 28 -4.39 -14.96 6.01
N ALA A 29 -3.58 -15.79 6.67
CA ALA A 29 -3.91 -17.21 6.78
C ALA A 29 -5.19 -17.44 7.58
N LYS A 30 -5.38 -16.69 8.68
CA LYS A 30 -6.61 -16.82 9.45
C LYS A 30 -7.84 -16.47 8.62
N ARG A 31 -7.69 -15.57 7.64
CA ARG A 31 -8.81 -15.12 6.82
C ARG A 31 -8.85 -15.78 5.46
N ARG A 32 -7.94 -16.71 5.20
CA ARG A 32 -7.84 -17.40 3.91
C ARG A 32 -7.74 -16.39 2.76
N ILE A 33 -6.85 -15.42 2.93
CA ILE A 33 -6.49 -14.47 1.89
C ILE A 33 -5.24 -14.98 1.21
N GLY A 34 -5.33 -15.29 -0.08
CA GLY A 34 -4.16 -15.75 -0.80
C GLY A 34 -3.10 -14.67 -0.88
N ALA A 35 -1.85 -15.09 -0.78
CA ALA A 35 -0.71 -14.19 -0.81
C ALA A 35 0.50 -14.87 -1.42
N LEU A 36 1.36 -14.05 -1.98
CA LEU A 36 2.54 -14.53 -2.68
C LEU A 36 3.58 -13.45 -2.53
N ILE A 37 4.65 -13.74 -1.79
CA ILE A 37 5.64 -12.76 -1.38
C ILE A 37 7.00 -13.36 -1.72
N SER A 38 7.72 -12.76 -2.67
CA SER A 38 9.03 -13.27 -3.02
C SER A 38 10.11 -12.31 -2.55
N VAL A 39 11.09 -12.81 -1.80
CA VAL A 39 12.18 -12.00 -1.26
C VAL A 39 13.44 -12.26 -2.08
N ALA A 40 13.93 -11.23 -2.77
CA ALA A 40 15.13 -11.37 -3.59
C ALA A 40 16.38 -11.49 -2.70
N ARG A 41 17.32 -12.35 -3.10
CA ARG A 41 18.62 -12.42 -2.43
C ARG A 41 19.69 -12.10 -3.48
N ASP A 42 20.65 -12.99 -3.70
CA ASP A 42 21.75 -12.66 -4.60
C ASP A 42 21.31 -12.55 -6.05
N THR A 43 20.30 -13.31 -6.47
CA THR A 43 19.88 -13.32 -7.87
C THR A 43 18.98 -12.12 -8.14
N GLY A 44 19.35 -11.30 -9.12
CA GLY A 44 18.51 -10.17 -9.47
C GLY A 44 17.13 -10.63 -9.90
N MET A 45 16.10 -9.92 -9.42
CA MET A 45 14.73 -10.14 -9.85
C MET A 45 14.13 -8.91 -10.49
N ASP A 46 14.98 -8.00 -10.98
CA ASP A 46 14.47 -6.80 -11.62
C ASP A 46 13.56 -7.11 -12.80
N ASP A 47 13.82 -8.22 -13.51
N ASP A 47 13.81 -8.23 -13.49
CA ASP A 47 12.99 -8.59 -14.65
CA ASP A 47 13.00 -8.55 -14.67
C ASP A 47 11.55 -8.82 -14.24
C ASP A 47 11.58 -8.95 -14.29
N TYR A 48 11.35 -9.40 -13.05
CA TYR A 48 9.99 -9.64 -12.58
C TYR A 48 9.43 -8.44 -11.84
N ILE A 49 10.28 -7.63 -11.22
CA ILE A 49 9.79 -6.40 -10.60
C ILE A 49 9.15 -5.51 -11.65
N GLU A 50 9.73 -5.50 -12.84
CA GLU A 50 9.26 -4.64 -13.92
C GLU A 50 7.83 -4.96 -14.35
N THR A 51 7.36 -6.19 -14.06
CA THR A 51 6.02 -6.64 -14.45
C THR A 51 4.95 -6.19 -13.48
N GLY A 52 5.33 -5.72 -12.29
CA GLY A 52 4.37 -5.34 -11.28
C GLY A 52 4.11 -3.84 -11.28
N ILE A 53 3.30 -3.43 -10.31
CA ILE A 53 3.03 -2.01 -10.06
C ILE A 53 4.10 -1.52 -9.08
N PRO A 54 4.88 -0.50 -9.44
CA PRO A 54 6.00 -0.09 -8.58
C PRO A 54 5.49 0.60 -7.31
N LEU A 55 5.94 0.09 -6.16
CA LEU A 55 5.67 0.72 -4.87
C LEU A 55 6.89 1.37 -4.24
N ASN A 56 8.04 0.69 -4.26
CA ASN A 56 9.27 1.14 -3.62
C ASN A 56 9.02 1.62 -2.19
N ALA A 57 8.28 0.82 -1.42
CA ALA A 57 7.74 1.26 -0.15
C ALA A 57 8.50 0.64 1.01
N LYS A 58 8.47 1.33 2.14
CA LYS A 58 8.92 0.73 3.38
C LYS A 58 8.16 -0.57 3.65
N ILE A 59 8.86 -1.53 4.25
CA ILE A 59 8.24 -2.81 4.56
C ILE A 59 7.44 -2.65 5.86
N SER A 60 6.21 -3.16 5.86
CA SER A 60 5.42 -3.23 7.09
C SER A 60 4.40 -4.35 6.93
N SER A 61 4.02 -4.96 8.06
CA SER A 61 2.96 -5.96 8.00
C SER A 61 1.67 -5.34 7.48
N GLN A 62 1.38 -4.09 7.87
CA GLN A 62 0.14 -3.45 7.44
C GLN A 62 0.07 -3.28 5.94
N LEU A 63 1.15 -2.80 5.33
CA LEU A 63 1.12 -2.63 3.88
C LEU A 63 1.00 -3.98 3.17
N LEU A 64 1.68 -5.00 3.67
CA LEU A 64 1.55 -6.30 3.01
C LEU A 64 0.11 -6.77 3.03
N ILE A 65 -0.55 -6.62 4.17
CA ILE A 65 -1.94 -7.06 4.27
C ILE A 65 -2.81 -6.29 3.31
N ASN A 66 -2.74 -4.95 3.34
CA ASN A 66 -3.53 -4.13 2.44
C ASN A 66 -3.32 -4.48 0.97
N ILE A 67 -2.09 -4.83 0.59
CA ILE A 67 -1.81 -5.18 -0.81
C ILE A 67 -2.66 -6.37 -1.24
N PHE A 68 -2.75 -7.41 -0.41
CA PHE A 68 -3.34 -8.66 -0.88
C PHE A 68 -4.84 -8.72 -0.69
N ILE A 69 -5.49 -7.64 -0.23
CA ILE A 69 -6.94 -7.72 -0.06
C ILE A 69 -7.57 -8.06 -1.40
N PRO A 70 -8.52 -9.00 -1.46
CA PRO A 70 -8.98 -9.50 -2.76
C PRO A 70 -9.75 -8.45 -3.56
N ASN A 71 -9.64 -8.55 -4.88
CA ASN A 71 -10.36 -7.69 -5.82
C ASN A 71 -9.97 -6.22 -5.64
N THR A 72 -8.71 -5.99 -5.32
CA THR A 72 -8.16 -4.65 -5.19
C THR A 72 -7.06 -4.45 -6.23
N PRO A 73 -6.71 -3.21 -6.55
CA PRO A 73 -5.74 -2.99 -7.65
C PRO A 73 -4.40 -3.70 -7.49
N LEU A 74 -3.90 -3.95 -6.28
CA LEU A 74 -2.55 -4.47 -6.09
C LEU A 74 -2.46 -5.97 -5.82
N HIS A 75 -3.59 -6.68 -5.73
CA HIS A 75 -3.58 -8.03 -5.18
C HIS A 75 -3.22 -9.08 -6.22
N ASP A 76 -3.31 -8.76 -7.51
CA ASP A 76 -3.35 -9.82 -8.52
C ASP A 76 -1.93 -10.17 -8.99
N GLY A 77 -1.21 -10.81 -8.10
CA GLY A 77 0.09 -11.33 -8.42
C GLY A 77 0.95 -11.32 -7.17
N ALA A 78 2.25 -11.18 -7.40
CA ALA A 78 3.24 -11.31 -6.33
C ALA A 78 3.75 -9.97 -5.83
N VAL A 79 3.97 -9.88 -4.52
CA VAL A 79 4.84 -8.85 -3.98
C VAL A 79 6.29 -9.30 -4.13
N ILE A 80 7.17 -8.39 -4.54
CA ILE A 80 8.61 -8.68 -4.60
C ILE A 80 9.34 -7.70 -3.69
N ILE A 81 10.07 -8.24 -2.72
CA ILE A 81 10.85 -7.45 -1.79
C ILE A 81 12.31 -7.48 -2.21
N LYS A 82 12.94 -6.31 -2.25
CA LYS A 82 14.28 -6.16 -2.76
C LYS A 82 15.04 -5.21 -1.85
N GLY A 83 16.13 -5.71 -1.29
CA GLY A 83 16.82 -5.04 -0.23
C GLY A 83 15.85 -4.78 0.91
N ASN A 84 15.58 -3.51 1.13
CA ASN A 84 14.81 -3.07 2.27
C ASN A 84 13.49 -2.43 1.88
N GLU A 85 12.99 -2.75 0.68
CA GLU A 85 11.76 -2.15 0.17
C GLU A 85 10.81 -3.20 -0.35
N ILE A 86 9.51 -2.92 -0.21
CA ILE A 86 8.57 -3.59 -1.09
C ILE A 86 8.71 -2.96 -2.49
N ALA A 87 9.32 -3.69 -3.43
CA ALA A 87 9.62 -3.10 -4.74
C ALA A 87 8.35 -2.96 -5.59
N SER A 88 7.58 -4.04 -5.68
CA SER A 88 6.45 -4.06 -6.58
C SER A 88 5.40 -4.99 -6.03
N ALA A 89 4.19 -4.79 -6.51
CA ALA A 89 3.04 -5.64 -6.22
C ALA A 89 2.42 -6.08 -7.53
N ALA A 90 1.57 -7.09 -7.46
CA ALA A 90 0.88 -7.59 -8.64
C ALA A 90 1.86 -8.00 -9.73
N SER A 91 3.02 -8.51 -9.32
CA SER A 91 4.04 -8.91 -10.27
C SER A 91 3.81 -10.33 -10.75
N TYR A 92 4.38 -10.60 -11.92
CA TYR A 92 4.39 -11.94 -12.45
C TYR A 92 5.56 -12.73 -11.87
N LEU A 93 5.33 -14.03 -11.62
CA LEU A 93 6.38 -14.99 -11.36
C LEU A 93 6.22 -16.19 -12.28
N PRO A 94 7.32 -16.76 -12.77
CA PRO A 94 7.19 -17.85 -13.75
C PRO A 94 6.65 -19.12 -13.14
N LEU A 95 5.75 -19.78 -13.86
CA LEU A 95 5.12 -20.99 -13.35
C LEU A 95 6.01 -22.19 -13.59
N SER A 96 6.27 -22.97 -12.53
CA SER A 96 7.02 -24.22 -12.67
C SER A 96 6.27 -25.19 -13.57
N ASP A 97 7.01 -25.94 -14.40
CA ASP A 97 6.46 -27.04 -15.18
C ASP A 97 6.53 -28.37 -14.45
N SER A 98 6.91 -28.36 -13.18
CA SER A 98 7.11 -29.59 -12.46
C SER A 98 5.82 -30.38 -12.36
N PRO A 99 5.80 -31.65 -12.78
CA PRO A 99 4.66 -32.51 -12.47
C PRO A 99 4.72 -33.08 -11.05
N PHE A 100 5.80 -32.79 -10.31
CA PHE A 100 5.91 -33.26 -8.93
C PHE A 100 5.10 -32.40 -7.97
N LEU A 101 4.77 -31.18 -8.35
CA LEU A 101 3.98 -30.32 -7.48
C LEU A 101 2.55 -30.86 -7.44
N SER A 102 2.02 -31.02 -6.23
CA SER A 102 0.71 -31.64 -6.07
C SER A 102 -0.37 -30.88 -6.83
N LYS A 103 -1.31 -31.63 -7.42
CA LYS A 103 -2.38 -30.95 -8.13
C LYS A 103 -3.35 -30.23 -7.20
N GLU A 104 -3.32 -30.53 -5.90
CA GLU A 104 -4.20 -29.77 -5.00
C GLU A 104 -3.70 -28.36 -4.73
N LEU A 105 -2.50 -28.02 -5.14
CA LEU A 105 -1.97 -26.68 -4.94
C LEU A 105 -2.23 -25.81 -6.17
N GLY A 106 -2.45 -24.53 -5.93
CA GLY A 106 -2.88 -23.62 -6.97
C GLY A 106 -1.74 -22.92 -7.68
N THR A 107 -2.12 -21.89 -8.44
CA THR A 107 -1.18 -21.12 -9.24
C THR A 107 -0.14 -20.42 -8.37
N ARG A 108 -0.54 -19.93 -7.19
CA ARG A 108 0.43 -19.24 -6.34
C ARG A 108 1.59 -20.16 -5.98
N HIS A 109 1.28 -21.40 -5.59
CA HIS A 109 2.33 -22.37 -5.30
C HIS A 109 3.19 -22.67 -6.52
N ARG A 110 2.55 -22.81 -7.69
CA ARG A 110 3.33 -23.13 -8.89
C ARG A 110 4.24 -21.97 -9.30
N ALA A 111 3.76 -20.73 -9.12
CA ALA A 111 4.61 -19.57 -9.37
C ALA A 111 5.72 -19.46 -8.34
N ALA A 112 5.43 -19.72 -7.06
CA ALA A 112 6.51 -19.71 -6.08
C ALA A 112 7.56 -20.75 -6.42
N LEU A 113 7.11 -21.94 -6.82
CA LEU A 113 8.07 -22.97 -7.19
C LEU A 113 8.85 -22.53 -8.42
N GLY A 114 8.15 -21.91 -9.38
CA GLY A 114 8.82 -21.48 -10.61
C GLY A 114 9.93 -20.48 -10.37
N ILE A 115 9.67 -19.42 -9.58
CA ILE A 115 10.75 -18.46 -9.34
C ILE A 115 11.89 -19.12 -8.57
N SER A 116 11.57 -20.05 -7.67
CA SER A 116 12.60 -20.66 -6.85
C SER A 116 13.55 -21.52 -7.70
N GLU A 117 13.13 -21.91 -8.90
CA GLU A 117 13.96 -22.75 -9.77
C GLU A 117 14.97 -21.95 -10.58
N VAL A 118 14.77 -20.65 -10.70
CA VAL A 118 15.63 -19.79 -11.50
C VAL A 118 16.27 -18.66 -10.71
N THR A 119 15.99 -18.55 -9.40
CA THR A 119 16.62 -17.56 -8.54
C THR A 119 16.90 -18.20 -7.20
N ASP A 120 17.76 -17.56 -6.40
CA ASP A 120 17.95 -17.92 -5.00
C ASP A 120 16.96 -17.21 -4.07
N SER A 121 15.85 -16.71 -4.60
N SER A 121 15.83 -16.76 -4.60
CA SER A 121 14.93 -15.98 -3.73
CA SER A 121 14.88 -16.02 -3.78
C SER A 121 14.28 -16.94 -2.74
C SER A 121 14.14 -16.94 -2.81
N ILE A 122 13.64 -16.36 -1.73
CA ILE A 122 12.81 -17.08 -0.78
C ILE A 122 11.39 -16.60 -0.98
N THR A 123 10.47 -17.51 -1.27
CA THR A 123 9.11 -17.12 -1.57
C THR A 123 8.15 -17.76 -0.59
N ILE A 124 7.21 -16.95 -0.10
CA ILE A 124 6.21 -17.36 0.88
C ILE A 124 4.83 -17.31 0.22
N VAL A 125 4.06 -18.36 0.41
CA VAL A 125 2.71 -18.48 -0.14
C VAL A 125 1.70 -18.63 0.99
N VAL A 126 0.61 -17.89 0.92
CA VAL A 126 -0.56 -18.18 1.74
C VAL A 126 -1.64 -18.73 0.82
N SER A 127 -2.13 -19.93 1.13
CA SER A 127 -3.19 -20.55 0.34
C SER A 127 -4.55 -19.96 0.67
N GLU A 128 -5.26 -19.53 -0.37
CA GLU A 128 -6.61 -19.04 -0.15
C GLU A 128 -7.62 -20.16 0.05
N GLU A 129 -7.24 -21.41 -0.24
CA GLU A 129 -8.14 -22.53 -0.04
C GLU A 129 -8.06 -23.07 1.38
N THR A 130 -6.86 -23.11 1.98
CA THR A 130 -6.64 -23.74 3.26
C THR A 130 -6.14 -22.80 4.34
N GLY A 131 -5.63 -21.62 3.99
CA GLY A 131 -4.84 -20.83 4.92
C GLY A 131 -3.47 -21.36 5.20
N GLY A 132 -3.08 -22.49 4.63
CA GLY A 132 -1.76 -23.03 4.87
C GLY A 132 -0.68 -22.11 4.31
N ILE A 133 0.41 -22.00 5.03
CA ILE A 133 1.56 -21.19 4.61
C ILE A 133 2.62 -22.12 4.05
N SER A 134 3.16 -21.81 2.89
CA SER A 134 4.24 -22.63 2.32
C SER A 134 5.37 -21.71 1.88
N LEU A 135 6.57 -22.31 1.70
CA LEU A 135 7.76 -21.61 1.25
C LEU A 135 8.43 -22.37 0.12
N THR A 136 9.04 -21.64 -0.81
CA THR A 136 9.87 -22.29 -1.81
C THR A 136 11.25 -21.69 -1.80
N LYS A 137 12.20 -22.51 -2.21
CA LYS A 137 13.64 -22.22 -2.20
C LYS A 137 14.37 -23.27 -3.03
N GLY A 138 15.07 -22.84 -4.07
CA GLY A 138 15.88 -23.75 -4.86
C GLY A 138 15.13 -24.89 -5.48
N GLY A 139 13.89 -24.66 -5.90
CA GLY A 139 13.12 -25.70 -6.53
C GLY A 139 12.47 -26.69 -5.58
N GLU A 140 12.51 -26.41 -4.28
CA GLU A 140 11.91 -27.25 -3.25
C GLU A 140 10.75 -26.51 -2.61
N LEU A 141 9.75 -27.26 -2.16
CA LEU A 141 8.57 -26.69 -1.52
C LEU A 141 8.48 -27.19 -0.10
N PHE A 142 8.33 -26.27 0.85
CA PHE A 142 8.06 -26.63 2.25
C PHE A 142 6.59 -26.30 2.48
N ARG A 143 5.75 -27.33 2.51
CA ARG A 143 4.30 -27.18 2.45
C ARG A 143 3.69 -27.12 3.86
N ASP A 144 2.79 -26.15 4.06
CA ASP A 144 1.97 -26.04 5.27
C ASP A 144 2.83 -26.02 6.54
N VAL A 145 3.72 -25.04 6.61
CA VAL A 145 4.66 -24.92 7.72
C VAL A 145 3.97 -24.39 8.97
N SER A 146 4.49 -24.79 10.13
CA SER A 146 4.03 -24.24 11.39
C SER A 146 4.62 -22.83 11.60
N GLU A 147 4.11 -22.12 12.61
CA GLU A 147 4.67 -20.81 12.91
C GLU A 147 6.13 -20.94 13.33
N GLU A 148 6.43 -21.93 14.18
CA GLU A 148 7.81 -22.21 14.56
C GLU A 148 8.68 -22.48 13.33
N GLU A 149 8.21 -23.38 12.45
CA GLU A 149 8.96 -23.71 11.24
C GLU A 149 9.14 -22.48 10.36
N LEU A 150 8.07 -21.70 10.16
CA LEU A 150 8.21 -20.47 9.37
C LEU A 150 9.27 -19.56 9.98
N HIS A 151 9.17 -19.32 11.30
CA HIS A 151 10.12 -18.45 11.98
C HIS A 151 11.56 -18.93 11.80
N LYS A 152 11.83 -20.22 12.03
CA LYS A 152 13.20 -20.70 11.95
C LYS A 152 13.76 -20.60 10.53
N ILE A 153 12.92 -20.89 9.54
CA ILE A 153 13.40 -20.83 8.17
C ILE A 153 13.68 -19.38 7.76
N LEU A 154 12.80 -18.46 8.14
CA LEU A 154 13.03 -17.07 7.77
C LEU A 154 14.29 -16.54 8.45
N LEU A 155 14.50 -16.93 9.71
CA LEU A 155 15.73 -16.54 10.40
C LEU A 155 16.96 -17.02 9.66
N LYS A 156 16.97 -18.31 9.31
CA LYS A 156 18.13 -18.91 8.66
C LYS A 156 18.37 -18.26 7.30
N GLU A 157 17.31 -18.10 6.52
CA GLU A 157 17.48 -17.71 5.12
C GLU A 157 17.53 -16.21 4.92
N LEU A 158 16.94 -15.40 5.80
CA LEU A 158 16.90 -13.96 5.56
C LEU A 158 17.84 -13.17 6.46
N VAL A 159 18.42 -13.77 7.50
CA VAL A 159 19.33 -13.06 8.39
C VAL A 159 20.73 -13.58 8.11
N THR A 160 21.53 -12.76 7.44
CA THR A 160 22.84 -13.12 6.93
C THR A 160 23.94 -12.23 7.49
N SER B 5 -0.48 29.32 -18.14
CA SER B 5 0.22 29.98 -17.05
C SER B 5 0.50 28.99 -15.91
N TYR B 6 -0.53 28.28 -15.42
CA TYR B 6 -0.25 27.04 -14.70
C TYR B 6 0.51 26.08 -15.59
N GLY B 7 0.11 26.02 -16.87
CA GLY B 7 0.71 25.06 -17.78
C GLY B 7 2.19 25.30 -18.04
N SER B 8 2.58 26.58 -18.08
CA SER B 8 3.99 26.91 -18.20
C SER B 8 4.78 26.51 -16.96
N ARG B 9 4.11 26.26 -15.83
CA ARG B 9 4.76 25.85 -14.58
C ARG B 9 4.56 24.38 -14.23
N ILE B 10 3.65 23.66 -14.89
CA ILE B 10 3.38 22.27 -14.50
C ILE B 10 4.59 21.40 -14.84
N GLU B 11 4.92 20.49 -13.93
CA GLU B 11 5.99 19.52 -14.12
C GLU B 11 5.39 18.12 -14.18
N ARG B 12 6.19 17.15 -14.62
CA ARG B 12 5.66 15.79 -14.77
C ARG B 12 5.16 15.25 -13.43
N GLU B 13 5.87 15.58 -12.35
CA GLU B 13 5.49 15.06 -11.03
C GLU B 13 4.17 15.65 -10.56
N GLN B 14 3.94 16.93 -10.84
CA GLN B 14 2.68 17.54 -10.45
C GLN B 14 1.53 16.94 -11.24
N HIS B 15 1.75 16.71 -12.54
CA HIS B 15 0.71 16.10 -13.34
C HIS B 15 0.36 14.71 -12.80
N HIS B 16 1.37 13.92 -12.47
CA HIS B 16 1.11 12.56 -11.98
C HIS B 16 0.42 12.60 -10.61
N LEU B 17 0.80 13.54 -9.75
CA LEU B 17 0.18 13.62 -8.43
C LEU B 17 -1.30 13.95 -8.56
N ILE B 18 -1.61 14.92 -9.42
CA ILE B 18 -2.99 15.32 -9.61
C ILE B 18 -3.79 14.20 -10.25
N GLU B 19 -3.26 13.58 -11.31
CA GLU B 19 -3.99 12.49 -11.92
C GLU B 19 -4.21 11.35 -10.93
N SER B 20 -3.21 11.08 -10.11
CA SER B 20 -3.34 9.98 -9.15
C SER B 20 -4.44 10.26 -8.14
N ILE B 21 -4.50 11.49 -7.64
CA ILE B 21 -5.57 11.86 -6.72
C ILE B 21 -6.92 11.77 -7.41
N GLU B 22 -7.03 12.33 -8.62
CA GLU B 22 -8.32 12.32 -9.32
C GLU B 22 -8.79 10.90 -9.61
N LYS B 23 -7.92 10.04 -10.15
CA LYS B 23 -8.35 8.70 -10.48
C LYS B 23 -8.71 7.91 -9.23
N SER B 24 -7.93 8.06 -8.15
CA SER B 24 -8.21 7.26 -6.96
C SER B 24 -9.49 7.72 -6.28
N THR B 25 -9.69 9.02 -6.16
CA THR B 25 -10.89 9.47 -5.46
C THR B 25 -12.12 9.21 -6.28
N GLN B 26 -12.01 9.22 -7.61
CA GLN B 26 -13.16 8.87 -8.44
C GLN B 26 -13.56 7.42 -8.21
N TYR B 27 -12.58 6.52 -8.20
CA TYR B 27 -12.83 5.11 -7.90
C TYR B 27 -13.49 4.94 -6.54
N MET B 28 -12.97 5.63 -5.52
CA MET B 28 -13.51 5.44 -4.18
C MET B 28 -14.88 6.08 -4.05
N ALA B 29 -15.09 7.22 -4.72
CA ALA B 29 -16.39 7.88 -4.66
C ALA B 29 -17.49 6.97 -5.19
N LYS B 30 -17.26 6.32 -6.33
CA LYS B 30 -18.28 5.46 -6.91
C LYS B 30 -18.65 4.31 -5.99
N ARG B 31 -17.72 3.89 -5.15
CA ARG B 31 -17.93 2.76 -4.27
C ARG B 31 -18.23 3.15 -2.84
N ARG B 32 -18.33 4.46 -2.56
CA ARG B 32 -18.57 4.96 -1.20
C ARG B 32 -17.50 4.43 -0.23
N ILE B 33 -16.24 4.53 -0.66
CA ILE B 33 -15.12 4.22 0.21
C ILE B 33 -14.59 5.52 0.78
N GLY B 34 -14.67 5.65 2.11
CA GLY B 34 -14.15 6.85 2.75
C GLY B 34 -12.65 6.93 2.59
N ALA B 35 -12.16 8.16 2.40
CA ALA B 35 -10.73 8.39 2.18
C ALA B 35 -10.35 9.78 2.67
N LEU B 36 -9.08 9.92 3.00
CA LEU B 36 -8.59 11.16 3.60
C LEU B 36 -7.14 11.30 3.18
N ILE B 37 -6.87 12.23 2.26
CA ILE B 37 -5.57 12.40 1.64
C ILE B 37 -5.15 13.85 1.82
N SER B 38 -4.03 14.07 2.50
CA SER B 38 -3.55 15.41 2.83
C SER B 38 -2.23 15.65 2.13
N VAL B 39 -2.16 16.68 1.29
CA VAL B 39 -0.97 16.97 0.52
C VAL B 39 -0.22 18.12 1.17
N ALA B 40 1.00 17.85 1.61
CA ALA B 40 1.80 18.88 2.25
C ALA B 40 2.27 19.91 1.24
N ARG B 41 2.34 21.17 1.68
CA ARG B 41 2.85 22.23 0.83
C ARG B 41 4.00 22.88 1.58
N ASP B 42 3.87 24.15 1.97
CA ASP B 42 5.02 24.82 2.58
C ASP B 42 5.18 24.46 4.06
N THR B 43 4.09 24.19 4.76
CA THR B 43 4.16 23.93 6.20
C THR B 43 4.50 22.48 6.42
N GLY B 44 5.59 22.22 7.14
CA GLY B 44 5.98 20.87 7.46
C GLY B 44 4.83 20.14 8.12
N MET B 45 4.67 18.86 7.79
CA MET B 45 3.68 17.99 8.42
C MET B 45 4.33 16.81 9.10
N ASP B 46 5.62 16.93 9.44
CA ASP B 46 6.40 15.79 9.90
C ASP B 46 5.79 15.16 11.15
N ASP B 47 5.27 15.97 12.07
CA ASP B 47 4.68 15.42 13.28
C ASP B 47 3.48 14.54 12.97
N TYR B 48 2.69 14.92 11.97
CA TYR B 48 1.53 14.11 11.61
C TYR B 48 1.94 12.85 10.85
N ILE B 49 2.94 12.97 9.98
CA ILE B 49 3.47 11.79 9.28
C ILE B 49 3.94 10.75 10.30
N GLU B 50 4.60 11.21 11.36
CA GLU B 50 5.14 10.27 12.35
C GLU B 50 4.06 9.50 13.10
N THR B 51 2.82 10.01 13.17
CA THR B 51 1.79 9.28 13.89
C THR B 51 1.29 8.07 13.10
N GLY B 52 1.58 8.00 11.80
CA GLY B 52 1.02 6.97 10.95
C GLY B 52 1.95 5.78 10.76
N ILE B 53 1.58 4.95 9.79
CA ILE B 53 2.43 3.86 9.31
C ILE B 53 3.34 4.42 8.21
N PRO B 54 4.65 4.33 8.33
CA PRO B 54 5.52 4.90 7.30
C PRO B 54 5.48 4.05 6.05
N LEU B 55 5.27 4.69 4.91
CA LEU B 55 5.33 4.01 3.61
C LEU B 55 6.44 4.53 2.71
N ASN B 56 6.62 5.85 2.63
CA ASN B 56 7.65 6.42 1.77
C ASN B 56 7.54 5.84 0.35
N ALA B 57 6.30 5.72 -0.14
CA ALA B 57 6.00 4.95 -1.35
C ALA B 57 5.87 5.82 -2.59
N LYS B 58 6.12 5.21 -3.74
CA LYS B 58 5.76 5.86 -4.99
C LYS B 58 4.28 6.19 -5.03
N ILE B 59 3.94 7.41 -5.45
CA ILE B 59 2.54 7.76 -5.63
C ILE B 59 1.96 7.01 -6.81
N SER B 60 0.79 6.39 -6.61
CA SER B 60 0.01 5.79 -7.69
C SER B 60 -1.45 5.76 -7.28
N SER B 61 -2.33 5.80 -8.28
CA SER B 61 -3.75 5.63 -7.99
C SER B 61 -4.02 4.26 -7.37
N GLN B 62 -3.33 3.22 -7.84
CA GLN B 62 -3.58 1.87 -7.32
C GLN B 62 -3.24 1.76 -5.84
N LEU B 63 -2.11 2.32 -5.43
CA LEU B 63 -1.75 2.24 -4.02
C LEU B 63 -2.72 3.05 -3.15
N LEU B 64 -3.08 4.26 -3.59
CA LEU B 64 -4.07 5.06 -2.84
C LEU B 64 -5.37 4.29 -2.64
N ILE B 65 -5.84 3.62 -3.69
CA ILE B 65 -7.08 2.84 -3.58
C ILE B 65 -6.91 1.71 -2.58
N ASN B 66 -5.81 0.95 -2.70
CA ASN B 66 -5.62 -0.19 -1.80
C ASN B 66 -5.50 0.22 -0.34
N ILE B 67 -4.95 1.41 -0.07
CA ILE B 67 -4.82 1.90 1.31
C ILE B 67 -6.18 2.02 1.99
N PHE B 68 -7.19 2.49 1.26
CA PHE B 68 -8.43 2.90 1.88
C PHE B 68 -9.52 1.83 1.85
N ILE B 69 -9.25 0.65 1.30
CA ILE B 69 -10.23 -0.44 1.36
C ILE B 69 -10.72 -0.58 2.79
N PRO B 70 -12.03 -0.66 3.04
CA PRO B 70 -12.53 -0.66 4.42
C PRO B 70 -12.06 -1.88 5.20
N ASN B 71 -11.94 -1.69 6.51
CA ASN B 71 -11.62 -2.77 7.45
C ASN B 71 -10.23 -3.37 7.21
N THR B 72 -9.31 -2.56 6.74
CA THR B 72 -7.93 -2.95 6.52
C THR B 72 -7.01 -2.18 7.47
N PRO B 73 -5.80 -2.70 7.72
CA PRO B 73 -4.89 -1.99 8.62
C PRO B 73 -4.61 -0.54 8.26
N LEU B 74 -4.46 -0.21 6.98
CA LEU B 74 -4.10 1.16 6.59
C LEU B 74 -5.29 2.10 6.39
N HIS B 75 -6.54 1.63 6.45
CA HIS B 75 -7.60 2.51 5.97
C HIS B 75 -8.00 3.57 6.99
N ASP B 76 -7.68 3.40 8.27
CA ASP B 76 -8.32 4.22 9.31
C ASP B 76 -7.43 5.40 9.69
N GLY B 77 -7.53 6.44 8.90
CA GLY B 77 -6.82 7.67 9.15
C GLY B 77 -6.45 8.34 7.84
N ALA B 78 -5.43 9.19 7.88
CA ALA B 78 -5.05 10.01 6.73
C ALA B 78 -3.81 9.43 6.02
N VAL B 79 -3.86 9.47 4.70
CA VAL B 79 -2.64 9.47 3.89
C VAL B 79 -2.06 10.87 3.82
N ILE B 80 -0.75 10.97 3.98
CA ILE B 80 -0.07 12.25 3.88
C ILE B 80 0.92 12.11 2.73
N ILE B 81 0.81 12.98 1.75
CA ILE B 81 1.72 13.01 0.61
C ILE B 81 2.71 14.14 0.83
N LYS B 82 4.01 13.80 0.80
CA LYS B 82 5.05 14.79 1.02
C LYS B 82 6.16 14.53 0.03
N GLY B 83 6.62 15.58 -0.65
CA GLY B 83 7.73 15.47 -1.57
C GLY B 83 7.65 14.27 -2.49
N ASN B 84 6.61 14.19 -3.29
CA ASN B 84 6.49 13.20 -4.36
C ASN B 84 6.46 11.76 -3.83
N GLU B 85 6.11 11.55 -2.56
CA GLU B 85 5.90 10.20 -2.04
C GLU B 85 4.64 10.18 -1.21
N ILE B 86 4.03 8.99 -1.14
CA ILE B 86 3.06 8.73 -0.09
C ILE B 86 3.90 8.48 1.18
N ALA B 87 3.95 9.48 2.07
CA ALA B 87 4.83 9.43 3.24
C ALA B 87 4.34 8.41 4.27
N SER B 88 3.05 8.46 4.58
CA SER B 88 2.49 7.64 5.65
C SER B 88 1.04 7.38 5.31
N ALA B 89 0.49 6.35 5.94
CA ALA B 89 -0.95 6.08 5.95
C ALA B 89 -1.38 5.92 7.39
N ALA B 90 -2.69 5.89 7.61
CA ALA B 90 -3.28 5.78 8.94
C ALA B 90 -2.71 6.83 9.90
N SER B 91 -2.51 8.05 9.39
CA SER B 91 -2.01 9.14 10.21
C SER B 91 -3.14 9.87 10.93
N TYR B 92 -2.84 10.38 12.11
CA TYR B 92 -3.78 11.17 12.86
C TYR B 92 -3.67 12.64 12.44
N LEU B 93 -4.77 13.22 12.08
CA LEU B 93 -4.86 14.65 11.88
C LEU B 93 -5.61 15.29 13.04
N PRO B 94 -5.36 16.57 13.36
CA PRO B 94 -6.14 17.22 14.42
C PRO B 94 -7.59 17.45 13.98
N LEU B 95 -8.51 17.31 14.93
CA LEU B 95 -9.94 17.49 14.68
C LEU B 95 -10.33 18.94 14.95
N SER B 96 -10.94 19.58 13.95
CA SER B 96 -11.47 20.92 14.11
C SER B 96 -12.64 20.91 15.10
N ASP B 97 -12.70 21.94 15.95
CA ASP B 97 -13.87 22.11 16.79
C ASP B 97 -14.91 23.04 16.15
N SER B 98 -14.85 23.18 14.84
CA SER B 98 -15.67 24.18 14.17
C SER B 98 -17.15 23.84 14.34
N PRO B 99 -17.98 24.79 14.75
CA PRO B 99 -19.43 24.53 14.78
C PRO B 99 -20.10 24.73 13.44
N PHE B 100 -19.36 25.20 12.44
CA PHE B 100 -19.94 25.53 11.14
C PHE B 100 -19.92 24.34 10.20
N LEU B 101 -19.13 23.33 10.52
CA LEU B 101 -19.09 22.11 9.73
C LEU B 101 -20.40 21.37 9.88
N SER B 102 -21.01 21.02 8.75
CA SER B 102 -22.33 20.42 8.75
C SER B 102 -22.37 19.22 9.69
N LYS B 103 -23.43 19.12 10.48
CA LYS B 103 -23.48 18.01 11.45
C LYS B 103 -23.52 16.64 10.78
N GLU B 104 -23.82 16.57 9.49
CA GLU B 104 -23.88 15.30 8.77
C GLU B 104 -22.54 14.86 8.21
N LEU B 105 -21.48 15.62 8.44
CA LEU B 105 -20.16 15.19 8.00
C LEU B 105 -19.46 14.47 9.14
N GLY B 106 -18.64 13.49 8.77
CA GLY B 106 -18.04 12.59 9.72
C GLY B 106 -16.65 13.01 10.16
N THR B 107 -16.00 12.09 10.87
CA THR B 107 -14.67 12.30 11.44
C THR B 107 -13.64 12.68 10.39
N ARG B 108 -13.68 12.05 9.20
CA ARG B 108 -12.69 12.37 8.17
C ARG B 108 -12.73 13.85 7.80
N HIS B 109 -13.93 14.40 7.65
CA HIS B 109 -14.06 15.80 7.29
C HIS B 109 -13.56 16.71 8.41
N ARG B 110 -13.80 16.31 9.67
CA ARG B 110 -13.37 17.16 10.78
C ARG B 110 -11.85 17.16 10.90
N ALA B 111 -11.22 16.00 10.64
CA ALA B 111 -9.75 15.90 10.56
C ALA B 111 -9.21 16.71 9.38
N ALA B 112 -9.86 16.62 8.23
CA ALA B 112 -9.44 17.43 7.08
C ALA B 112 -9.52 18.91 7.41
N LEU B 113 -10.63 19.32 8.03
CA LEU B 113 -10.78 20.72 8.41
C LEU B 113 -9.73 21.11 9.43
N GLY B 114 -9.49 20.23 10.41
CA GLY B 114 -8.51 20.51 11.44
C GLY B 114 -7.10 20.72 10.91
N ILE B 115 -6.63 19.84 10.01
CA ILE B 115 -5.28 20.03 9.53
C ILE B 115 -5.22 21.30 8.70
N SER B 116 -6.31 21.62 8.00
CA SER B 116 -6.30 22.84 7.21
C SER B 116 -6.23 24.09 8.07
N GLU B 117 -6.53 24.00 9.38
CA GLU B 117 -6.48 25.17 10.24
C GLU B 117 -5.08 25.51 10.73
N VAL B 118 -4.14 24.55 10.70
CA VAL B 118 -2.82 24.72 11.27
C VAL B 118 -1.70 24.44 10.27
N THR B 119 -2.04 24.18 9.01
CA THR B 119 -1.06 24.03 7.93
C THR B 119 -1.65 24.66 6.69
N ASP B 120 -0.80 24.82 5.68
CA ASP B 120 -1.29 25.24 4.37
C ASP B 120 -1.47 24.04 3.42
N SER B 121 -1.71 22.86 3.98
CA SER B 121 -1.87 21.72 3.09
C SER B 121 -3.26 21.74 2.47
N ILE B 122 -3.39 21.01 1.37
CA ILE B 122 -4.69 20.81 0.71
C ILE B 122 -5.09 19.37 0.95
N THR B 123 -6.32 19.15 1.42
CA THR B 123 -6.74 17.84 1.86
C THR B 123 -8.00 17.46 1.12
N ILE B 124 -8.01 16.26 0.61
CA ILE B 124 -9.13 15.70 -0.14
C ILE B 124 -9.80 14.64 0.72
N VAL B 125 -11.13 14.62 0.72
CA VAL B 125 -11.90 13.66 1.50
C VAL B 125 -12.93 13.04 0.58
N VAL B 126 -13.09 11.72 0.66
CA VAL B 126 -14.24 11.03 0.07
C VAL B 126 -15.13 10.58 1.21
N SER B 127 -16.43 10.87 1.11
CA SER B 127 -17.38 10.48 2.14
C SER B 127 -17.81 9.03 1.96
N GLU B 128 -17.69 8.23 3.02
CA GLU B 128 -18.19 6.86 2.90
C GLU B 128 -19.71 6.78 2.94
N GLU B 129 -20.40 7.86 3.31
CA GLU B 129 -21.86 7.83 3.35
C GLU B 129 -22.45 8.17 1.99
N THR B 130 -21.92 9.22 1.35
CA THR B 130 -22.50 9.77 0.13
C THR B 130 -21.64 9.55 -1.12
N GLY B 131 -20.35 9.29 -0.96
CA GLY B 131 -19.43 9.31 -2.07
C GLY B 131 -18.99 10.69 -2.50
N GLY B 132 -19.53 11.74 -1.89
CA GLY B 132 -19.13 13.09 -2.26
C GLY B 132 -17.67 13.35 -1.92
N ILE B 133 -17.01 14.12 -2.78
CA ILE B 133 -15.63 14.53 -2.59
C ILE B 133 -15.62 15.91 -2.00
N SER B 134 -14.82 16.13 -0.96
CA SER B 134 -14.70 17.46 -0.36
C SER B 134 -13.23 17.83 -0.28
N LEU B 135 -12.97 19.14 -0.11
CA LEU B 135 -11.61 19.70 -0.06
C LEU B 135 -11.52 20.63 1.14
N THR B 136 -10.36 20.67 1.80
CA THR B 136 -10.17 21.65 2.86
C THR B 136 -8.88 22.39 2.61
N LYS B 137 -8.94 23.68 2.91
CA LYS B 137 -7.83 24.62 2.74
C LYS B 137 -8.07 25.83 3.64
N GLY B 138 -7.05 26.23 4.38
CA GLY B 138 -7.09 27.46 5.15
C GLY B 138 -8.24 27.59 6.10
N GLY B 139 -8.63 26.49 6.75
CA GLY B 139 -9.70 26.47 7.74
C GLY B 139 -11.09 26.45 7.16
N GLU B 140 -11.24 26.17 5.87
CA GLU B 140 -12.54 26.12 5.24
C GLU B 140 -12.71 24.80 4.50
N LEU B 141 -13.97 24.41 4.29
CA LEU B 141 -14.27 23.19 3.54
C LEU B 141 -15.10 23.54 2.31
N PHE B 142 -14.82 22.84 1.21
CA PHE B 142 -15.62 22.93 -0.01
C PHE B 142 -16.23 21.55 -0.24
N ARG B 143 -17.56 21.45 -0.14
CA ARG B 143 -18.24 20.17 -0.02
C ARG B 143 -18.81 19.67 -1.34
N ASP B 144 -18.62 18.38 -1.62
CA ASP B 144 -19.30 17.70 -2.72
C ASP B 144 -18.96 18.36 -4.07
N VAL B 145 -17.69 18.33 -4.40
CA VAL B 145 -17.18 19.04 -5.57
C VAL B 145 -17.35 18.17 -6.82
N SER B 146 -17.57 18.83 -7.95
CA SER B 146 -17.59 18.11 -9.22
C SER B 146 -16.17 17.72 -9.64
N GLU B 147 -16.08 16.84 -10.63
CA GLU B 147 -14.77 16.49 -11.19
C GLU B 147 -14.07 17.71 -11.76
N GLU B 148 -14.79 18.60 -12.44
CA GLU B 148 -14.12 19.78 -12.98
C GLU B 148 -13.70 20.73 -11.87
N GLU B 149 -14.52 20.86 -10.82
CA GLU B 149 -14.13 21.66 -9.66
C GLU B 149 -12.90 21.08 -8.96
N LEU B 150 -12.89 19.76 -8.70
CA LEU B 150 -11.72 19.15 -8.11
C LEU B 150 -10.46 19.47 -8.91
N HIS B 151 -10.55 19.34 -10.24
CA HIS B 151 -9.38 19.52 -11.10
C HIS B 151 -8.89 20.97 -11.04
N LYS B 152 -9.80 21.92 -11.15
CA LYS B 152 -9.44 23.32 -11.09
C LYS B 152 -8.72 23.66 -9.78
N ILE B 153 -9.22 23.14 -8.66
CA ILE B 153 -8.61 23.48 -7.37
C ILE B 153 -7.28 22.78 -7.18
N LEU B 154 -7.17 21.50 -7.61
CA LEU B 154 -5.88 20.86 -7.49
C LEU B 154 -4.82 21.56 -8.33
N LEU B 155 -5.18 21.98 -9.56
CA LEU B 155 -4.24 22.75 -10.37
C LEU B 155 -3.82 24.02 -9.65
N LYS B 156 -4.81 24.77 -9.15
CA LYS B 156 -4.50 26.02 -8.47
C LYS B 156 -3.57 25.79 -7.29
N GLU B 157 -3.85 24.78 -6.47
CA GLU B 157 -3.14 24.68 -5.21
C GLU B 157 -1.87 23.85 -5.29
N LEU B 158 -1.75 22.94 -6.25
CA LEU B 158 -0.61 22.04 -6.28
C LEU B 158 0.43 22.39 -7.34
N VAL B 159 0.15 23.32 -8.26
CA VAL B 159 1.18 23.70 -9.23
C VAL B 159 1.88 24.97 -8.75
NA NA C . 3.43 -34.49 -6.14
NA NA D . 9.30 -30.54 0.70
C4 45Y E . -4.66 16.55 -16.44
C5 45Y E . -4.09 17.80 -16.62
C6 45Y E . -4.94 14.40 -15.15
N1 45Y E . -8.58 14.53 -15.88
C7 45Y E . -6.21 14.10 -15.93
O 45Y E . -6.28 13.16 -16.72
N 45Y E . -7.24 14.89 -15.64
C3 45Y E . -4.36 15.77 -15.34
C2 45Y E . -3.47 16.28 -14.41
C1 45Y E . -2.89 17.52 -14.57
C 45Y E . -3.23 18.26 -15.67
F 45Y E . -2.70 19.50 -15.80
#